data_1BBW
#
_entry.id   1BBW
#
_cell.length_a   182.936
_cell.length_b   182.936
_cell.length_c   92.516
_cell.angle_alpha   90.00
_cell.angle_beta   90.00
_cell.angle_gamma   120.00
#
_symmetry.space_group_name_H-M   'P 61 2 2'
#
loop_
_entity.id
_entity.type
_entity.pdbx_description
1 polymer 'PROTEIN (LYSYL-TRNA SYNTHETASE)'
2 water water
#
_entity_poly.entity_id   1
_entity_poly.type   'polypeptide(L)'
_entity_poly.pdbx_seq_one_letter_code
;SEQHAQGADAVVDLNNELKTRREKLANLREQGIAFPNDFRRDHTSDQLHAEFDGKENEELEALNIEVAVAGRMMTRRIMG
KASFVTLQDVGGRIQLYVARDDLPEGVYNEQFKKWDLGDILGAKGKLFKTKTGELSIHCTELRLLTKALRPLPDKFHGLQ
DQEARYRQRYLDLISNDESRNTFKVRSQILSGIRQFMVNRGFMEVETPMMQVIPGGAAARPFITHHNALDLDMYLRIAPE
LYLKRLVVGGFERVFEINRNFRNEGISVRHNPEFTMMELYMAYADYKDLIELTESLFRTLAQDILGKTEVTYGDVTLDFG
KPFEKLTMREAIKKYRPETDMADLDNFDSAKAIAESIGIHVEKSWGLGRIVTEIFEEVAEAHLIQPTFITEYPAEVSPLA
RRNDVNPEITDRFEFFIGGREIGNGFSELNDAEDQAQRFLDQVAAKDAGDDEAMFYDEDYVTALEHGLPPTAGLGIGIDR
MVMLFTNSHTIRDVILFPAMRPVK
;
_entity_poly.pdbx_strand_id   A
#
# COMPACT_ATOMS: atom_id res chain seq x y z
N VAL A 11 -26.88 18.62 -10.72
CA VAL A 11 -27.83 19.72 -10.56
C VAL A 11 -27.13 20.97 -11.06
N VAL A 12 -27.87 21.81 -11.77
CA VAL A 12 -27.34 23.08 -12.30
C VAL A 12 -26.96 24.04 -11.18
N ASP A 13 -27.24 23.63 -9.95
CA ASP A 13 -26.92 24.37 -8.73
C ASP A 13 -25.42 24.72 -8.73
N LEU A 14 -24.58 23.71 -9.02
CA LEU A 14 -23.15 23.89 -9.07
C LEU A 14 -22.67 24.82 -10.18
N ASN A 15 -23.43 24.92 -11.26
CA ASN A 15 -23.05 25.78 -12.38
C ASN A 15 -23.04 27.28 -12.01
N ASN A 16 -23.90 27.65 -11.06
CA ASN A 16 -24.00 29.03 -10.58
C ASN A 16 -22.80 29.25 -9.64
N GLU A 17 -22.48 28.22 -8.87
CA GLU A 17 -21.36 28.25 -7.95
C GLU A 17 -20.10 28.67 -8.70
N LEU A 18 -19.96 28.21 -9.92
CA LEU A 18 -18.82 28.55 -10.75
C LEU A 18 -18.92 30.00 -11.21
N LYS A 19 -20.14 30.51 -11.34
CA LYS A 19 -20.34 31.88 -11.75
C LYS A 19 -19.98 32.84 -10.58
N THR A 20 -20.53 32.56 -9.41
CA THR A 20 -20.31 33.37 -8.22
C THR A 20 -18.84 33.40 -7.80
N ARG A 21 -18.33 32.23 -7.41
CA ARG A 21 -16.96 32.08 -6.96
C ARG A 21 -15.96 32.67 -7.97
N ARG A 22 -16.15 32.41 -9.24
CA ARG A 22 -15.23 32.93 -10.24
C ARG A 22 -15.24 34.45 -10.27
N GLU A 23 -16.41 35.03 -9.99
CA GLU A 23 -16.58 36.48 -9.94
C GLU A 23 -15.91 37.02 -8.67
N LYS A 24 -16.25 36.43 -7.53
CA LYS A 24 -15.65 36.82 -6.26
C LYS A 24 -14.12 36.97 -6.36
N LEU A 25 -13.51 36.07 -7.14
CA LEU A 25 -12.07 36.09 -7.32
C LEU A 25 -11.60 37.26 -8.17
N ALA A 26 -12.33 37.57 -9.22
CA ALA A 26 -11.98 38.70 -10.08
C ALA A 26 -11.98 39.93 -9.20
N ASN A 27 -12.80 39.87 -8.14
CA ASN A 27 -12.92 40.96 -7.17
C ASN A 27 -11.71 40.98 -6.27
N LEU A 28 -11.41 39.83 -5.65
CA LEU A 28 -10.24 39.72 -4.79
C LEU A 28 -8.97 40.26 -5.46
N ARG A 29 -8.88 40.17 -6.79
CA ARG A 29 -7.71 40.66 -7.49
C ARG A 29 -7.68 42.18 -7.44
N GLU A 30 -8.86 42.78 -7.43
CA GLU A 30 -8.96 44.23 -7.35
C GLU A 30 -8.47 44.66 -5.99
N GLN A 31 -8.95 43.97 -4.94
CA GLN A 31 -8.64 44.28 -3.55
C GLN A 31 -7.23 44.08 -3.00
N GLY A 32 -6.60 42.95 -3.33
CA GLY A 32 -5.24 42.72 -2.85
C GLY A 32 -4.59 41.51 -3.49
N ILE A 33 -3.75 40.85 -2.72
CA ILE A 33 -3.12 39.65 -3.21
C ILE A 33 -4.21 38.62 -3.02
N ALA A 34 -4.65 38.06 -4.14
CA ALA A 34 -5.71 37.07 -4.07
C ALA A 34 -5.30 35.79 -3.33
N PHE A 35 -4.05 35.36 -3.51
CA PHE A 35 -3.53 34.13 -2.91
C PHE A 35 -2.35 34.36 -2.01
N PRO A 36 -2.58 35.03 -0.88
CA PRO A 36 -1.46 35.26 0.02
C PRO A 36 -0.80 33.97 0.52
N ASN A 37 0.53 33.99 0.62
CA ASN A 37 1.30 32.84 1.11
C ASN A 37 2.10 33.26 2.33
N ASP A 38 1.63 34.31 2.99
CA ASP A 38 2.32 34.83 4.17
C ASP A 38 1.74 34.37 5.50
N PHE A 39 0.54 33.83 5.51
CA PHE A 39 0.02 33.38 6.79
C PHE A 39 0.77 32.13 7.24
N ARG A 40 1.13 32.07 8.53
CA ARG A 40 1.81 30.92 9.12
C ARG A 40 1.08 30.50 10.39
N ARG A 41 0.67 29.23 10.43
CA ARG A 41 -0.03 28.69 11.61
C ARG A 41 1.01 28.25 12.62
N ASP A 42 0.69 27.24 13.42
CA ASP A 42 1.63 26.70 14.37
C ASP A 42 1.00 25.56 15.15
N HIS A 43 -0.22 25.22 14.80
CA HIS A 43 -0.91 24.12 15.47
C HIS A 43 -1.83 23.46 14.50
N THR A 44 -1.97 22.14 14.63
CA THR A 44 -2.90 21.38 13.80
C THR A 44 -3.90 20.77 14.77
N SER A 45 -5.13 20.60 14.32
CA SER A 45 -6.20 20.04 15.13
C SER A 45 -5.76 18.97 16.15
N ASP A 46 -5.31 17.83 15.66
CA ASP A 46 -4.85 16.74 16.50
C ASP A 46 -3.88 17.17 17.60
N GLN A 47 -2.94 18.07 17.28
CA GLN A 47 -1.96 18.56 18.26
C GLN A 47 -2.68 19.18 19.41
N LEU A 48 -3.64 20.03 19.05
CA LEU A 48 -4.47 20.74 20.00
C LEU A 48 -5.31 19.74 20.80
N HIS A 49 -5.99 18.85 20.10
CA HIS A 49 -6.83 17.88 20.75
C HIS A 49 -6.06 17.08 21.78
N ALA A 50 -5.05 16.35 21.32
CA ALA A 50 -4.23 15.51 22.19
C ALA A 50 -3.56 16.23 23.36
N GLU A 51 -3.62 17.55 23.38
CA GLU A 51 -2.98 18.26 24.48
C GLU A 51 -3.93 19.18 25.23
N PHE A 52 -5.18 19.29 24.77
CA PHE A 52 -6.15 20.15 25.43
C PHE A 52 -7.54 19.53 25.62
N ASP A 53 -7.85 18.49 24.86
CA ASP A 53 -9.16 17.82 24.95
C ASP A 53 -9.68 17.50 26.34
N GLY A 54 -8.75 17.38 27.28
CA GLY A 54 -9.13 17.05 28.64
C GLY A 54 -9.00 18.16 29.68
N LYS A 55 -9.17 19.41 29.29
CA LYS A 55 -9.08 20.50 30.27
C LYS A 55 -10.39 21.31 30.17
N GLU A 56 -11.09 21.46 31.30
CA GLU A 56 -12.34 22.22 31.33
C GLU A 56 -12.01 23.72 31.23
N ASN A 57 -12.98 24.50 30.71
CA ASN A 57 -12.86 25.95 30.51
C ASN A 57 -11.90 26.68 31.44
N GLU A 58 -12.02 26.37 32.74
CA GLU A 58 -11.21 26.97 33.81
C GLU A 58 -9.71 27.15 33.45
N GLU A 59 -8.98 26.04 33.31
CA GLU A 59 -7.53 26.08 32.99
C GLU A 59 -7.22 26.80 31.67
N LEU A 60 -8.15 26.72 30.72
CA LEU A 60 -7.98 27.40 29.46
C LEU A 60 -7.98 28.90 29.75
N GLU A 61 -8.97 29.31 30.56
CA GLU A 61 -9.14 30.70 30.96
C GLU A 61 -7.93 31.24 31.72
N ALA A 62 -7.24 30.35 32.43
CA ALA A 62 -6.06 30.72 33.22
C ALA A 62 -4.80 30.73 32.37
N LEU A 63 -4.53 29.60 31.70
CA LEU A 63 -3.36 29.42 30.84
C LEU A 63 -3.32 30.48 29.73
N ASN A 64 -4.49 30.89 29.26
CA ASN A 64 -4.62 31.90 28.21
C ASN A 64 -3.75 31.53 26.99
N ILE A 65 -3.87 30.27 26.56
CA ILE A 65 -3.11 29.79 25.43
C ILE A 65 -3.76 30.22 24.11
N GLU A 66 -3.01 31.05 23.38
CA GLU A 66 -3.43 31.53 22.08
C GLU A 66 -2.75 30.61 21.06
N VAL A 67 -3.46 30.28 19.98
CA VAL A 67 -2.94 29.40 18.93
C VAL A 67 -3.21 29.93 17.52
N ALA A 68 -2.62 29.27 16.52
CA ALA A 68 -2.77 29.64 15.12
C ALA A 68 -2.98 28.38 14.31
N VAL A 69 -4.09 28.34 13.59
CA VAL A 69 -4.47 27.21 12.74
C VAL A 69 -4.85 27.64 11.31
N ALA A 70 -4.79 26.71 10.36
CA ALA A 70 -5.15 26.97 8.96
C ALA A 70 -5.77 25.70 8.42
N GLY A 71 -6.73 25.82 7.52
CA GLY A 71 -7.35 24.62 7.00
C GLY A 71 -8.41 24.98 6.01
N ARG A 72 -9.27 24.01 5.69
CA ARG A 72 -10.35 24.23 4.74
C ARG A 72 -11.68 24.34 5.50
N MET A 73 -12.56 25.21 4.99
CA MET A 73 -13.87 25.45 5.59
C MET A 73 -14.92 24.40 5.19
N MET A 74 -15.20 23.51 6.12
CA MET A 74 -16.16 22.45 5.91
C MET A 74 -17.60 22.87 6.23
N THR A 75 -17.80 23.30 7.48
CA THR A 75 -19.12 23.72 7.95
C THR A 75 -19.07 25.11 8.54
N ARG A 76 -20.07 25.90 8.18
CA ARG A 76 -20.18 27.25 8.69
C ARG A 76 -21.59 27.47 9.16
N ARG A 77 -21.75 27.76 10.44
CA ARG A 77 -23.07 28.04 11.02
C ARG A 77 -23.13 29.55 11.36
N ILE A 78 -23.71 30.35 10.47
CA ILE A 78 -23.86 31.81 10.65
C ILE A 78 -25.03 32.20 11.58
N MET A 79 -24.71 32.38 12.86
CA MET A 79 -25.69 32.76 13.86
C MET A 79 -25.82 34.31 13.96
N GLY A 80 -26.04 34.96 12.81
CA GLY A 80 -26.20 36.41 12.77
C GLY A 80 -24.94 37.26 12.86
N LYS A 81 -24.47 37.48 14.09
CA LYS A 81 -23.27 38.29 14.33
C LYS A 81 -22.13 37.44 14.93
N ALA A 82 -22.44 36.20 15.27
CA ALA A 82 -21.47 35.24 15.82
C ALA A 82 -21.57 34.02 14.90
N SER A 83 -20.52 33.24 14.81
CA SER A 83 -20.53 32.07 13.94
C SER A 83 -19.66 30.96 14.44
N PHE A 84 -20.02 29.75 14.03
CA PHE A 84 -19.29 28.53 14.36
C PHE A 84 -18.83 27.87 13.05
N VAL A 85 -17.53 27.93 12.79
CA VAL A 85 -17.00 27.32 11.59
C VAL A 85 -16.10 26.19 12.01
N THR A 86 -16.12 25.12 11.23
CA THR A 86 -15.27 23.98 11.53
C THR A 86 -14.28 23.87 10.41
N LEU A 87 -13.01 23.94 10.78
CA LEU A 87 -11.87 23.90 9.85
C LEU A 87 -11.23 22.49 9.77
N GLN A 88 -10.85 22.09 8.56
CA GLN A 88 -10.24 20.79 8.34
C GLN A 88 -8.85 20.94 7.74
N ASP A 89 -7.86 20.46 8.49
CA ASP A 89 -6.46 20.49 8.06
C ASP A 89 -5.96 19.05 7.83
N VAL A 90 -4.65 18.82 8.02
CA VAL A 90 -4.07 17.51 7.81
C VAL A 90 -4.35 16.52 8.93
N GLY A 91 -4.44 17.04 10.16
CA GLY A 91 -4.68 16.19 11.32
C GLY A 91 -6.09 16.12 11.88
N GLY A 92 -7.09 16.64 11.17
CA GLY A 92 -8.47 16.58 11.66
C GLY A 92 -9.27 17.86 11.57
N ARG A 93 -10.16 18.04 12.56
CA ARG A 93 -11.06 19.20 12.64
C ARG A 93 -11.00 19.98 13.97
N ILE A 94 -11.08 21.31 13.88
CA ILE A 94 -11.03 22.20 15.05
C ILE A 94 -12.15 23.21 14.82
N GLN A 95 -12.91 23.52 15.89
CA GLN A 95 -14.02 24.49 15.81
C GLN A 95 -13.50 25.88 16.06
N LEU A 96 -14.04 26.83 15.32
CA LEU A 96 -13.61 28.22 15.43
C LEU A 96 -14.80 29.10 15.79
N TYR A 97 -14.60 30.03 16.71
CA TYR A 97 -15.67 30.93 17.08
C TYR A 97 -15.39 32.27 16.42
N VAL A 98 -16.10 32.53 15.34
CA VAL A 98 -15.93 33.76 14.60
C VAL A 98 -16.95 34.73 15.21
N ALA A 99 -16.48 35.88 15.69
CA ALA A 99 -17.37 36.89 16.29
C ALA A 99 -17.00 38.30 15.79
N ARG A 100 -17.93 38.96 15.11
CA ARG A 100 -17.77 40.31 14.50
C ARG A 100 -17.01 41.41 15.26
N ASP A 101 -17.30 41.53 16.54
CA ASP A 101 -16.69 42.55 17.39
C ASP A 101 -15.29 42.23 17.87
N ASP A 102 -15.02 40.94 18.08
CA ASP A 102 -13.69 40.50 18.52
C ASP A 102 -12.75 40.49 17.32
N LEU A 103 -13.36 40.30 16.14
CA LEU A 103 -12.65 40.26 14.85
C LEU A 103 -12.41 41.69 14.41
N PRO A 104 -11.41 41.89 13.54
CA PRO A 104 -11.16 43.25 13.05
C PRO A 104 -12.39 43.85 12.38
N GLU A 105 -12.49 45.17 12.41
CA GLU A 105 -13.65 45.83 11.85
C GLU A 105 -13.82 45.63 10.35
N GLY A 106 -15.05 45.29 9.96
CA GLY A 106 -15.39 45.13 8.55
C GLY A 106 -15.07 43.80 7.90
N VAL A 107 -14.41 42.92 8.63
CA VAL A 107 -14.06 41.64 8.05
C VAL A 107 -15.20 40.63 8.23
N TYR A 108 -15.88 40.65 9.37
CA TYR A 108 -16.95 39.68 9.61
C TYR A 108 -18.11 39.82 8.63
N ASN A 109 -18.44 41.04 8.26
CA ASN A 109 -19.55 41.24 7.35
C ASN A 109 -19.15 41.41 5.89
N GLU A 110 -18.17 42.27 5.65
CA GLU A 110 -17.71 42.54 4.29
C GLU A 110 -16.80 41.44 3.73
N GLN A 111 -16.40 40.48 4.57
CA GLN A 111 -15.52 39.37 4.14
C GLN A 111 -15.99 37.98 4.55
N PHE A 112 -15.79 37.59 5.81
CA PHE A 112 -16.20 36.26 6.29
C PHE A 112 -17.50 35.74 5.67
N LYS A 113 -18.51 36.60 5.64
CA LYS A 113 -19.84 36.27 5.10
C LYS A 113 -19.85 36.13 3.57
N LYS A 114 -18.83 36.66 2.90
CA LYS A 114 -18.77 36.55 1.46
C LYS A 114 -17.89 35.34 1.03
N TRP A 115 -17.31 34.64 2.01
CA TRP A 115 -16.45 33.47 1.73
C TRP A 115 -17.38 32.29 1.60
N ASP A 116 -16.93 31.24 0.94
CA ASP A 116 -17.75 30.05 0.71
C ASP A 116 -17.22 28.88 1.49
N LEU A 117 -17.95 27.77 1.47
CA LEU A 117 -17.46 26.55 2.11
C LEU A 117 -16.44 26.04 1.09
N GLY A 118 -15.38 25.41 1.56
CA GLY A 118 -14.35 24.93 0.66
C GLY A 118 -13.13 25.85 0.58
N ASP A 119 -13.32 27.09 1.00
CA ASP A 119 -12.26 28.08 1.02
C ASP A 119 -11.25 27.69 2.07
N ILE A 120 -9.97 27.99 1.78
CA ILE A 120 -8.87 27.70 2.68
C ILE A 120 -8.67 28.95 3.54
N LEU A 121 -8.82 28.80 4.84
CA LEU A 121 -8.69 29.93 5.74
C LEU A 121 -7.64 29.79 6.82
N GLY A 122 -7.26 30.94 7.36
CA GLY A 122 -6.31 30.98 8.44
C GLY A 122 -6.97 31.69 9.59
N ALA A 123 -6.75 31.20 10.81
CA ALA A 123 -7.32 31.80 12.00
C ALA A 123 -6.40 31.77 13.23
N LYS A 124 -6.33 32.90 13.93
CA LYS A 124 -5.51 33.08 15.15
C LYS A 124 -6.43 33.59 16.23
N GLY A 125 -6.33 33.00 17.43
CA GLY A 125 -7.15 33.42 18.55
C GLY A 125 -6.93 32.54 19.77
N LYS A 126 -7.58 32.89 20.88
CA LYS A 126 -7.46 32.12 22.13
C LYS A 126 -8.38 30.89 22.11
N LEU A 127 -7.87 29.75 22.56
CA LEU A 127 -8.64 28.51 22.55
C LEU A 127 -9.52 28.37 23.79
N PHE A 128 -10.69 27.75 23.64
CA PHE A 128 -11.66 27.51 24.73
C PHE A 128 -12.56 26.31 24.36
N LYS A 129 -13.63 26.10 25.14
CA LYS A 129 -14.60 25.03 24.89
C LYS A 129 -16.06 25.55 24.99
N THR A 130 -16.93 25.12 24.06
CA THR A 130 -18.32 25.56 24.03
C THR A 130 -19.26 24.78 24.92
N LYS A 131 -20.55 25.09 24.82
CA LYS A 131 -21.60 24.43 25.59
C LYS A 131 -21.69 22.93 25.31
N THR A 132 -21.68 22.57 24.03
CA THR A 132 -21.78 21.15 23.64
C THR A 132 -20.53 20.29 23.90
N GLY A 133 -19.45 20.90 24.38
CA GLY A 133 -18.24 20.15 24.70
C GLY A 133 -17.08 20.06 23.69
N GLU A 134 -17.15 20.81 22.59
CA GLU A 134 -16.07 20.77 21.59
C GLU A 134 -15.09 21.92 21.78
N LEU A 135 -13.81 21.66 21.55
CA LEU A 135 -12.78 22.66 21.68
C LEU A 135 -12.91 23.65 20.52
N SER A 136 -12.68 24.92 20.80
CA SER A 136 -12.79 25.95 19.80
C SER A 136 -11.77 27.09 19.98
N ILE A 137 -11.68 27.95 18.99
CA ILE A 137 -10.74 29.06 19.01
C ILE A 137 -11.50 30.35 18.81
N HIS A 138 -11.49 31.19 19.83
CA HIS A 138 -12.12 32.50 19.75
C HIS A 138 -11.18 33.29 18.85
N CYS A 139 -11.65 33.62 17.65
CA CYS A 139 -10.81 34.30 16.65
C CYS A 139 -10.64 35.81 16.76
N THR A 140 -9.41 36.26 16.99
CA THR A 140 -9.11 37.68 17.01
C THR A 140 -8.57 38.05 15.62
N GLU A 141 -8.29 37.02 14.82
CA GLU A 141 -7.81 37.12 13.43
C GLU A 141 -8.32 35.94 12.59
N LEU A 142 -8.77 36.23 11.37
CA LEU A 142 -9.29 35.21 10.46
C LEU A 142 -9.25 35.72 9.06
N ARG A 143 -8.76 34.91 8.13
CA ARG A 143 -8.74 35.35 6.75
C ARG A 143 -8.65 34.28 5.69
N LEU A 144 -9.03 34.68 4.50
CA LEU A 144 -9.03 33.85 3.34
C LEU A 144 -7.62 33.73 2.81
N LEU A 145 -7.20 32.49 2.57
CA LEU A 145 -5.90 32.19 2.01
C LEU A 145 -6.07 31.77 0.53
N THR A 146 -6.94 30.80 0.29
CA THR A 146 -7.20 30.38 -1.09
C THR A 146 -8.68 30.25 -1.33
N LYS A 147 -9.13 30.88 -2.40
CA LYS A 147 -10.51 30.84 -2.78
C LYS A 147 -10.79 29.55 -3.48
N ALA A 148 -11.71 28.77 -2.94
CA ALA A 148 -12.08 27.52 -3.57
C ALA A 148 -12.99 27.83 -4.77
N LEU A 149 -12.43 27.94 -5.98
CA LEU A 149 -13.23 28.22 -7.19
C LEU A 149 -14.41 27.24 -7.39
N ARG A 150 -14.24 25.99 -6.95
CA ARG A 150 -15.25 24.92 -7.07
C ARG A 150 -15.69 24.47 -5.70
N PRO A 151 -16.95 24.03 -5.59
CA PRO A 151 -17.52 23.58 -4.31
C PRO A 151 -16.97 22.26 -3.79
N LEU A 152 -17.28 21.94 -2.54
CA LEU A 152 -16.84 20.69 -1.98
C LEU A 152 -17.37 19.53 -2.84
N PRO A 153 -16.96 18.28 -2.55
CA PRO A 153 -17.45 17.15 -3.35
C PRO A 153 -18.99 17.01 -3.40
N ASP A 161 -20.32 6.28 -10.15
CA ASP A 161 -20.28 5.31 -9.05
C ASP A 161 -19.15 5.70 -8.07
N GLN A 162 -18.76 4.77 -7.20
CA GLN A 162 -17.69 4.98 -6.23
C GLN A 162 -16.30 4.85 -6.90
N GLU A 163 -16.22 5.35 -8.13
CA GLU A 163 -14.99 5.34 -8.91
C GLU A 163 -14.50 6.77 -9.06
N ALA A 164 -15.37 7.71 -8.71
CA ALA A 164 -14.99 9.13 -8.72
C ALA A 164 -14.01 9.26 -7.57
N ARG A 165 -14.20 8.40 -6.56
CA ARG A 165 -13.35 8.33 -5.38
C ARG A 165 -11.91 8.02 -5.80
N TYR A 166 -11.73 7.59 -7.04
CA TYR A 166 -10.43 7.24 -7.58
C TYR A 166 -9.98 8.26 -8.61
N ARG A 167 -10.93 8.80 -9.38
CA ARG A 167 -10.61 9.78 -10.42
C ARG A 167 -10.10 11.10 -9.90
N GLN A 168 -10.49 11.46 -8.68
CA GLN A 168 -10.08 12.71 -8.07
C GLN A 168 -9.81 12.47 -6.59
N ARG A 169 -8.87 11.57 -6.33
CA ARG A 169 -8.47 11.18 -4.99
C ARG A 169 -8.41 12.34 -4.00
N TYR A 170 -8.08 13.53 -4.48
CA TYR A 170 -8.02 14.67 -3.58
C TYR A 170 -9.38 14.88 -2.94
N LEU A 171 -10.42 14.91 -3.77
CA LEU A 171 -11.80 15.08 -3.30
C LEU A 171 -12.11 13.98 -2.32
N ASP A 172 -11.62 12.80 -2.66
CA ASP A 172 -11.82 11.64 -1.81
C ASP A 172 -11.17 11.82 -0.45
N LEU A 173 -9.93 12.29 -0.45
CA LEU A 173 -9.18 12.44 0.77
C LEU A 173 -9.80 13.51 1.67
N ILE A 174 -10.51 14.45 1.06
CA ILE A 174 -11.17 15.53 1.79
C ILE A 174 -12.41 15.02 2.51
N SER A 175 -13.18 14.20 1.79
CA SER A 175 -14.43 13.63 2.29
C SER A 175 -14.28 12.45 3.22
N ASN A 176 -13.67 11.37 2.71
CA ASN A 176 -13.51 10.13 3.45
C ASN A 176 -12.38 10.08 4.43
N ASP A 177 -12.71 9.87 5.69
CA ASP A 177 -11.68 9.74 6.70
C ASP A 177 -11.13 8.33 6.57
N GLU A 178 -11.90 7.44 5.94
CA GLU A 178 -11.50 6.06 5.73
C GLU A 178 -10.16 6.09 4.97
N SER A 179 -10.20 6.68 3.78
CA SER A 179 -9.04 6.79 2.91
C SER A 179 -7.87 7.50 3.59
N ARG A 180 -8.09 8.69 4.11
CA ARG A 180 -7.01 9.42 4.75
C ARG A 180 -6.31 8.60 5.81
N ASN A 181 -7.04 7.64 6.38
CA ASN A 181 -6.49 6.75 7.41
C ASN A 181 -5.74 5.58 6.77
N THR A 182 -6.32 5.03 5.71
CA THR A 182 -5.72 3.94 4.96
C THR A 182 -4.31 4.37 4.59
N PHE A 183 -4.24 5.39 3.71
CA PHE A 183 -3.00 5.92 3.22
C PHE A 183 -2.03 6.37 4.29
N LYS A 184 -2.51 7.06 5.32
CA LYS A 184 -1.64 7.49 6.40
C LYS A 184 -0.92 6.28 6.97
N VAL A 185 -1.63 5.15 7.01
CA VAL A 185 -1.10 3.90 7.53
C VAL A 185 -0.22 3.19 6.49
N ARG A 186 -0.56 3.34 5.21
CA ARG A 186 0.24 2.71 4.15
C ARG A 186 1.69 3.13 4.35
N SER A 187 1.88 4.42 4.62
CA SER A 187 3.18 4.99 4.87
C SER A 187 3.77 4.39 6.12
N GLN A 188 2.99 4.42 7.19
CA GLN A 188 3.43 3.88 8.45
C GLN A 188 3.98 2.46 8.29
N ILE A 189 3.37 1.70 7.39
CA ILE A 189 3.79 0.32 7.14
C ILE A 189 5.14 0.30 6.43
N LEU A 190 5.22 1.01 5.29
CA LEU A 190 6.46 1.05 4.49
C LEU A 190 7.68 1.42 5.31
N SER A 191 7.60 2.53 6.03
CA SER A 191 8.75 2.91 6.83
C SER A 191 8.96 1.87 7.90
N GLY A 192 7.89 1.19 8.26
CA GLY A 192 8.02 0.15 9.27
C GLY A 192 8.86 -0.98 8.72
N ILE A 193 8.53 -1.46 7.52
CA ILE A 193 9.28 -2.52 6.88
C ILE A 193 10.76 -2.15 6.76
N ARG A 194 11.04 -0.96 6.22
CA ARG A 194 12.41 -0.47 6.06
C ARG A 194 13.24 -0.57 7.34
N GLN A 195 12.74 -0.01 8.43
CA GLN A 195 13.49 -0.05 9.68
C GLN A 195 13.61 -1.45 10.29
N PHE A 196 12.61 -2.28 10.10
CA PHE A 196 12.66 -3.63 10.64
C PHE A 196 13.83 -4.34 9.97
N MET A 197 13.89 -4.24 8.65
CA MET A 197 14.95 -4.87 7.89
C MET A 197 16.29 -4.25 8.22
N VAL A 198 16.32 -2.92 8.30
CA VAL A 198 17.56 -2.22 8.60
C VAL A 198 18.13 -2.63 9.96
N ASN A 199 17.26 -2.96 10.89
CA ASN A 199 17.70 -3.38 12.22
C ASN A 199 18.47 -4.70 12.11
N ARG A 200 18.05 -5.55 11.18
CA ARG A 200 18.67 -6.85 10.95
C ARG A 200 19.79 -6.79 9.93
N GLY A 201 20.54 -5.69 9.95
CA GLY A 201 21.66 -5.51 9.06
C GLY A 201 21.40 -5.54 7.56
N PHE A 202 20.29 -4.96 7.10
CA PHE A 202 20.02 -4.95 5.66
C PHE A 202 20.25 -3.60 5.04
N MET A 203 20.62 -3.59 3.77
CA MET A 203 20.84 -2.34 3.08
C MET A 203 19.94 -2.29 1.83
N GLU A 204 19.09 -1.27 1.76
CA GLU A 204 18.16 -1.09 0.64
C GLU A 204 18.95 -0.60 -0.54
N VAL A 205 18.52 -0.91 -1.75
CA VAL A 205 19.29 -0.48 -2.88
C VAL A 205 18.38 -0.11 -4.03
N GLU A 206 18.90 0.62 -5.00
CA GLU A 206 18.07 0.98 -6.15
C GLU A 206 18.71 0.44 -7.39
N THR A 207 18.01 -0.47 -8.08
CA THR A 207 18.49 -1.07 -9.32
C THR A 207 17.64 -0.52 -10.47
N PRO A 208 18.05 -0.79 -11.74
CA PRO A 208 17.33 -0.33 -12.92
C PRO A 208 15.84 -0.61 -12.92
N MET A 209 15.11 0.22 -13.67
CA MET A 209 13.67 0.09 -13.88
C MET A 209 13.49 -0.38 -15.33
N MET A 210 14.54 -0.15 -16.12
CA MET A 210 14.55 -0.53 -17.51
C MET A 210 15.69 -1.54 -17.73
N GLN A 211 15.34 -2.70 -18.29
CA GLN A 211 16.30 -3.76 -18.57
C GLN A 211 16.22 -4.04 -20.07
N VAL A 212 17.18 -4.78 -20.64
CA VAL A 212 17.10 -5.09 -22.07
C VAL A 212 16.44 -6.47 -22.28
N ILE A 213 16.33 -7.20 -21.19
CA ILE A 213 15.71 -8.50 -21.22
C ILE A 213 14.94 -8.55 -19.90
N PRO A 214 13.68 -9.03 -19.95
CA PRO A 214 12.81 -9.14 -18.77
C PRO A 214 13.37 -9.98 -17.61
N ALA A 218 6.09 -15.12 -15.58
CA ALA A 218 5.44 -15.15 -16.89
C ALA A 218 4.31 -14.14 -16.94
N ALA A 219 4.64 -12.94 -17.42
CA ALA A 219 3.72 -11.82 -17.57
C ALA A 219 4.05 -11.04 -18.86
N ARG A 220 3.19 -10.09 -19.21
CA ARG A 220 3.41 -9.28 -20.42
C ARG A 220 4.31 -8.11 -20.03
N PRO A 221 5.21 -7.68 -20.95
CA PRO A 221 6.15 -6.56 -20.74
C PRO A 221 5.82 -5.15 -21.29
N PHE A 222 6.11 -4.13 -20.49
CA PHE A 222 5.90 -2.74 -20.90
C PHE A 222 7.12 -2.44 -21.73
N ILE A 223 6.96 -2.50 -23.04
CA ILE A 223 8.06 -2.27 -23.94
C ILE A 223 8.12 -0.81 -24.35
N THR A 224 9.32 -0.23 -24.23
CA THR A 224 9.53 1.16 -24.62
C THR A 224 10.73 1.20 -25.57
N HIS A 225 11.22 2.39 -25.90
CA HIS A 225 12.34 2.52 -26.81
C HIS A 225 13.22 3.65 -26.32
N HIS A 226 14.54 3.51 -26.48
CA HIS A 226 15.43 4.60 -26.10
C HIS A 226 15.76 5.28 -27.40
N ASN A 227 15.75 6.60 -27.41
CA ASN A 227 16.06 7.36 -28.60
C ASN A 227 17.56 7.37 -28.96
N ALA A 228 18.38 7.92 -28.07
CA ALA A 228 19.84 8.04 -28.26
C ALA A 228 20.64 6.73 -28.30
N LEU A 229 19.93 5.60 -28.37
CA LEU A 229 20.54 4.28 -28.42
C LEU A 229 19.67 3.27 -29.13
N ASP A 230 18.79 3.74 -30.02
CA ASP A 230 17.85 2.90 -30.80
C ASP A 230 17.55 1.47 -30.33
N LEU A 231 17.68 1.26 -29.02
CA LEU A 231 17.47 -0.04 -28.38
C LEU A 231 16.24 -0.11 -27.47
N ASP A 232 15.41 -1.09 -27.77
CA ASP A 232 14.19 -1.35 -27.00
C ASP A 232 14.50 -1.92 -25.63
N MET A 233 13.96 -1.22 -24.63
CA MET A 233 14.11 -1.57 -23.22
C MET A 233 12.80 -2.12 -22.71
N TYR A 234 12.85 -2.67 -21.51
CA TYR A 234 11.69 -3.26 -20.86
C TYR A 234 11.57 -2.71 -19.45
N LEU A 235 10.32 -2.50 -19.02
CA LEU A 235 10.09 -2.02 -17.66
C LEU A 235 10.18 -3.27 -16.83
N ARG A 236 10.86 -3.19 -15.72
CA ARG A 236 11.04 -4.37 -14.90
C ARG A 236 9.79 -5.00 -14.33
N ILE A 237 9.76 -6.33 -14.33
CA ILE A 237 8.66 -7.04 -13.69
C ILE A 237 9.20 -7.53 -12.35
N ALA A 238 10.52 -7.44 -12.15
CA ALA A 238 11.18 -7.81 -10.91
C ALA A 238 12.66 -7.49 -11.02
N PRO A 239 13.30 -7.06 -9.91
CA PRO A 239 14.74 -6.73 -9.87
C PRO A 239 15.56 -7.92 -9.30
N GLU A 240 15.08 -9.14 -9.47
CA GLU A 240 15.74 -10.33 -8.95
C GLU A 240 17.22 -10.44 -9.31
N LEU A 241 17.51 -10.56 -10.60
CA LEU A 241 18.90 -10.73 -11.06
C LEU A 241 19.85 -9.61 -10.66
N TYR A 242 19.41 -8.35 -10.68
CA TYR A 242 20.32 -7.25 -10.30
C TYR A 242 20.64 -7.33 -8.85
N LEU A 243 19.67 -7.75 -8.06
CA LEU A 243 19.86 -7.86 -6.61
C LEU A 243 20.85 -8.94 -6.26
N LYS A 244 20.77 -10.09 -6.94
CA LYS A 244 21.72 -11.16 -6.67
C LYS A 244 23.14 -10.80 -7.04
N ARG A 245 23.32 -10.05 -8.15
CA ARG A 245 24.65 -9.59 -8.57
C ARG A 245 25.30 -8.84 -7.43
N LEU A 246 24.49 -8.12 -6.65
CA LEU A 246 25.00 -7.40 -5.49
C LEU A 246 25.49 -8.35 -4.38
N VAL A 247 24.84 -9.50 -4.25
CA VAL A 247 25.26 -10.48 -3.25
C VAL A 247 26.58 -11.05 -3.69
N VAL A 248 26.66 -11.41 -4.97
CA VAL A 248 27.90 -11.91 -5.55
C VAL A 248 28.96 -10.86 -5.23
N GLY A 249 28.65 -9.62 -5.60
CA GLY A 249 29.55 -8.51 -5.33
C GLY A 249 29.83 -8.28 -3.87
N GLY A 250 29.09 -8.95 -2.98
CA GLY A 250 29.41 -8.81 -1.57
C GLY A 250 28.41 -8.21 -0.63
N PHE A 251 27.42 -7.52 -1.18
CA PHE A 251 26.38 -6.94 -0.33
C PHE A 251 25.54 -8.15 -0.03
N GLU A 252 25.80 -8.75 1.13
CA GLU A 252 25.14 -9.98 1.52
C GLU A 252 23.73 -9.88 2.09
N ARG A 253 23.28 -8.66 2.41
CA ARG A 253 21.93 -8.45 2.94
C ARG A 253 21.38 -7.16 2.32
N VAL A 254 20.62 -7.32 1.24
CA VAL A 254 20.04 -6.19 0.53
C VAL A 254 18.57 -6.45 0.22
N PHE A 255 17.83 -5.38 -0.05
CA PHE A 255 16.42 -5.49 -0.42
C PHE A 255 16.07 -4.25 -1.19
N GLU A 256 14.91 -4.27 -1.85
CA GLU A 256 14.45 -3.15 -2.65
C GLU A 256 12.93 -3.04 -2.79
N ILE A 257 12.35 -2.05 -2.08
CA ILE A 257 10.91 -1.78 -2.12
C ILE A 257 10.69 -0.77 -3.22
N ASN A 258 10.01 -1.17 -4.29
CA ASN A 258 9.76 -0.24 -5.38
C ASN A 258 8.86 -0.82 -6.47
N ARG A 259 8.51 0.00 -7.45
CA ARG A 259 7.61 -0.35 -8.54
C ARG A 259 8.05 -1.44 -9.52
N ASN A 260 7.10 -2.30 -9.88
CA ASN A 260 7.35 -3.34 -10.87
C ASN A 260 6.19 -3.12 -11.81
N PHE A 261 6.35 -3.52 -13.05
CA PHE A 261 5.33 -3.25 -14.04
C PHE A 261 4.87 -4.51 -14.78
N ARG A 262 3.56 -4.74 -14.79
CA ARG A 262 2.96 -5.88 -15.48
C ARG A 262 1.90 -5.34 -16.47
N ASN A 263 2.21 -5.34 -17.77
CA ASN A 263 1.33 -4.85 -18.85
C ASN A 263 0.15 -5.76 -19.19
N GLU A 264 -0.86 -5.69 -18.33
CA GLU A 264 -2.07 -6.45 -18.50
C GLU A 264 -3.24 -5.46 -18.32
N GLY A 265 -4.36 -5.93 -17.77
CA GLY A 265 -5.51 -5.08 -17.56
C GLY A 265 -5.65 -4.67 -16.11
N ILE A 266 -6.41 -3.60 -15.89
CA ILE A 266 -6.63 -3.09 -14.55
C ILE A 266 -7.84 -3.74 -13.91
N SER A 267 -7.60 -4.84 -13.19
CA SER A 267 -8.69 -5.53 -12.52
C SER A 267 -8.97 -4.86 -11.17
N VAL A 268 -10.10 -4.16 -11.11
CA VAL A 268 -10.53 -3.45 -9.90
C VAL A 268 -10.41 -4.31 -8.67
N HIS A 270 -5.36 -6.11 -9.97
CA HIS A 270 -4.41 -5.91 -11.07
C HIS A 270 -4.30 -4.44 -11.45
N ASN A 271 -3.12 -3.89 -11.20
CA ASN A 271 -2.81 -2.49 -11.52
C ASN A 271 -1.47 -2.54 -12.26
N PRO A 272 -1.41 -1.95 -13.47
CA PRO A 272 -0.25 -1.87 -14.37
C PRO A 272 1.10 -1.60 -13.73
N GLU A 273 1.10 -1.01 -12.53
CA GLU A 273 2.31 -0.70 -11.81
C GLU A 273 2.03 -0.73 -10.33
N PHE A 274 2.52 -1.77 -9.68
CA PHE A 274 2.33 -2.00 -8.25
C PHE A 274 3.68 -2.01 -7.53
N THR A 275 3.65 -1.90 -6.21
CA THR A 275 4.85 -1.90 -5.39
C THR A 275 5.16 -3.28 -4.81
N MET A 276 6.40 -3.72 -5.07
CA MET A 276 6.94 -5.00 -4.60
C MET A 276 8.21 -4.83 -3.76
N MET A 277 8.50 -5.83 -2.95
CA MET A 277 9.72 -5.84 -2.16
C MET A 277 10.42 -7.17 -2.33
N GLU A 278 11.62 -7.15 -2.91
CA GLU A 278 12.42 -8.34 -3.04
C GLU A 278 13.60 -8.12 -2.10
N LEU A 279 13.97 -9.12 -1.33
CA LEU A 279 15.11 -8.94 -0.49
C LEU A 279 15.89 -10.21 -0.56
N TYR A 280 17.21 -10.14 -0.42
CA TYR A 280 18.05 -11.32 -0.46
C TYR A 280 18.95 -11.38 0.75
N MET A 281 19.24 -12.59 1.20
CA MET A 281 20.09 -12.78 2.37
C MET A 281 21.02 -13.99 2.16
N ALA A 282 22.32 -13.75 2.23
CA ALA A 282 23.31 -14.80 2.01
C ALA A 282 23.51 -15.61 3.27
N TYR A 283 23.91 -16.86 3.03
CA TYR A 283 24.19 -17.85 4.07
C TYR A 283 22.97 -18.17 4.89
N ALA A 284 21.88 -18.52 4.19
CA ALA A 284 20.58 -18.88 4.79
C ALA A 284 19.69 -19.48 3.71
N ASP A 285 18.66 -20.21 4.12
CA ASP A 285 17.73 -20.84 3.18
C ASP A 285 16.31 -20.31 3.38
N TYR A 286 15.39 -20.71 2.49
CA TYR A 286 14.00 -20.26 2.56
C TYR A 286 13.37 -20.36 3.95
N LYS A 287 13.69 -21.42 4.67
CA LYS A 287 13.14 -21.57 6.00
C LYS A 287 13.45 -20.36 6.83
N ASP A 288 14.66 -19.81 6.70
CA ASP A 288 15.07 -18.61 7.48
C ASP A 288 14.25 -17.37 7.08
N LEU A 289 13.81 -17.35 5.81
CA LEU A 289 12.99 -16.26 5.33
C LEU A 289 11.57 -16.47 5.79
N ILE A 290 11.13 -17.73 5.84
CA ILE A 290 9.80 -18.03 6.33
C ILE A 290 9.67 -17.43 7.74
N GLU A 291 10.65 -17.69 8.58
CA GLU A 291 10.63 -17.16 9.91
C GLU A 291 10.74 -15.63 9.94
N LEU A 292 11.45 -15.05 8.97
CA LEU A 292 11.59 -13.60 8.90
C LEU A 292 10.26 -12.98 8.52
N THR A 293 9.62 -13.57 7.51
CA THR A 293 8.33 -13.13 7.01
C THR A 293 7.36 -13.06 8.18
N GLU A 294 7.35 -14.10 9.02
CA GLU A 294 6.50 -14.17 10.21
C GLU A 294 6.73 -12.98 11.09
N SER A 295 7.91 -12.89 11.67
CA SER A 295 8.24 -11.77 12.52
C SER A 295 7.95 -10.39 11.86
N LEU A 296 8.02 -10.31 10.52
CA LEU A 296 7.73 -9.04 9.82
C LEU A 296 6.26 -8.70 10.03
N PHE A 297 5.38 -9.57 9.51
CA PHE A 297 3.96 -9.34 9.65
C PHE A 297 3.48 -9.20 11.06
N ARG A 298 4.06 -9.97 11.96
CA ARG A 298 3.64 -9.89 13.34
C ARG A 298 4.15 -8.65 14.06
N THR A 299 5.29 -8.08 13.67
CA THR A 299 5.78 -6.86 14.34
C THR A 299 5.13 -5.60 13.77
N LEU A 300 4.86 -5.62 12.48
CA LEU A 300 4.22 -4.47 11.89
C LEU A 300 2.79 -4.34 12.43
N ALA A 301 2.02 -5.43 12.44
CA ALA A 301 0.64 -5.40 12.93
C ALA A 301 0.60 -5.00 14.40
N GLN A 302 1.60 -5.44 15.14
CA GLN A 302 1.72 -5.16 16.56
C GLN A 302 2.04 -3.69 16.87
N ASP A 303 2.95 -3.09 16.11
CA ASP A 303 3.33 -1.71 16.35
C ASP A 303 2.42 -0.71 15.66
N ILE A 304 2.00 -1.02 14.44
CA ILE A 304 1.16 -0.13 13.63
C ILE A 304 -0.35 -0.21 13.92
N LEU A 305 -0.84 -1.39 14.25
CA LEU A 305 -2.26 -1.57 14.52
C LEU A 305 -2.58 -1.98 15.97
N GLY A 306 -1.56 -2.37 16.75
CA GLY A 306 -1.81 -2.76 18.14
C GLY A 306 -2.39 -4.16 18.37
N LYS A 307 -3.60 -4.41 17.86
CA LYS A 307 -4.27 -5.71 18.00
C LYS A 307 -3.60 -6.83 17.20
N THR A 308 -3.30 -7.95 17.83
CA THR A 308 -2.69 -9.06 17.12
C THR A 308 -3.69 -9.75 16.17
N GLU A 309 -4.99 -9.54 16.41
CA GLU A 309 -6.04 -10.10 15.54
C GLU A 309 -6.51 -8.90 14.77
N VAL A 310 -6.74 -9.04 13.48
CA VAL A 310 -7.18 -7.92 12.69
C VAL A 310 -8.37 -8.29 11.84
N THR A 311 -9.44 -7.56 12.09
CA THR A 311 -10.67 -7.76 11.36
C THR A 311 -10.48 -7.42 9.88
N TYR A 312 -11.03 -8.23 9.01
CA TYR A 312 -10.91 -7.99 7.58
C TYR A 312 -12.12 -8.61 6.88
N GLY A 313 -13.16 -7.81 6.66
CA GLY A 313 -14.38 -8.29 6.02
C GLY A 313 -15.16 -9.25 6.90
N ASP A 314 -15.58 -10.37 6.32
CA ASP A 314 -16.33 -11.39 7.03
C ASP A 314 -15.43 -12.19 7.93
N VAL A 315 -14.13 -12.02 7.78
CA VAL A 315 -13.17 -12.79 8.52
C VAL A 315 -12.27 -12.00 9.48
N THR A 316 -11.71 -12.71 10.46
CA THR A 316 -10.78 -12.14 11.44
C THR A 316 -9.42 -12.83 11.22
N LEU A 317 -8.38 -12.05 10.92
CA LEU A 317 -7.04 -12.57 10.68
C LEU A 317 -6.24 -12.55 11.98
N ASP A 318 -5.63 -13.68 12.35
CA ASP A 318 -4.85 -13.72 13.59
C ASP A 318 -3.34 -13.89 13.40
N PHE A 319 -2.60 -12.82 13.66
CA PHE A 319 -1.14 -12.82 13.55
C PHE A 319 -0.55 -13.14 14.92
N GLY A 320 -1.43 -13.44 15.87
CA GLY A 320 -0.98 -13.77 17.21
C GLY A 320 -0.40 -15.16 17.24
N LYS A 321 -1.22 -16.14 16.86
CA LYS A 321 -0.79 -17.53 16.82
C LYS A 321 0.09 -17.74 15.59
N PRO A 322 1.21 -18.46 15.76
CA PRO A 322 2.13 -18.73 14.65
C PRO A 322 1.39 -19.18 13.40
N PHE A 323 1.86 -18.71 12.25
CA PHE A 323 1.22 -19.02 10.99
C PHE A 323 1.20 -20.50 10.74
N GLU A 324 0.37 -20.91 9.80
CA GLU A 324 0.27 -22.30 9.46
C GLU A 324 1.39 -22.62 8.49
N LYS A 325 1.99 -23.79 8.65
CA LYS A 325 3.07 -24.27 7.79
C LYS A 325 2.56 -25.55 7.12
N LEU A 326 2.47 -25.58 5.80
CA LEU A 326 1.98 -26.78 5.15
C LEU A 326 2.65 -27.00 3.82
N THR A 327 2.92 -28.25 3.47
CA THR A 327 3.49 -28.53 2.18
C THR A 327 2.32 -28.53 1.23
N MET A 328 2.59 -28.40 -0.06
CA MET A 328 1.54 -28.41 -1.06
C MET A 328 0.85 -29.73 -0.96
N ARG A 329 1.59 -30.80 -0.72
CA ARG A 329 0.98 -32.13 -0.60
C ARG A 329 0.02 -32.15 0.57
N GLU A 330 0.46 -31.61 1.70
CA GLU A 330 -0.36 -31.60 2.88
C GLU A 330 -1.63 -30.78 2.69
N ALA A 331 -1.48 -29.69 1.96
CA ALA A 331 -2.59 -28.80 1.70
C ALA A 331 -3.70 -29.50 0.92
N ILE A 332 -3.33 -30.14 -0.17
CA ILE A 332 -4.31 -30.85 -1.00
C ILE A 332 -5.10 -31.88 -0.19
N LYS A 333 -4.43 -32.60 0.69
CA LYS A 333 -5.10 -33.62 1.46
C LYS A 333 -5.99 -33.00 2.49
N LYS A 334 -5.59 -31.84 2.96
CA LYS A 334 -6.37 -31.20 3.98
C LYS A 334 -7.68 -30.63 3.50
N TYR A 335 -7.69 -30.15 2.27
CA TYR A 335 -8.89 -29.55 1.76
C TYR A 335 -9.70 -30.45 0.80
N ARG A 336 -9.10 -31.53 0.31
CA ARG A 336 -9.84 -32.45 -0.53
C ARG A 336 -9.57 -33.81 0.15
N PRO A 337 -10.08 -33.94 1.37
CA PRO A 337 -9.89 -35.16 2.16
C PRO A 337 -10.10 -36.47 1.43
N GLU A 338 -10.95 -36.49 0.41
CA GLU A 338 -11.21 -37.72 -0.32
C GLU A 338 -10.10 -38.14 -1.29
N THR A 339 -8.97 -37.45 -1.25
CA THR A 339 -7.91 -37.80 -2.17
C THR A 339 -7.00 -38.92 -1.67
N ASP A 340 -7.09 -40.07 -2.30
CA ASP A 340 -6.20 -41.18 -1.95
C ASP A 340 -4.86 -40.72 -2.54
N MET A 341 -4.01 -40.10 -1.71
CA MET A 341 -2.73 -39.54 -2.11
C MET A 341 -1.88 -40.36 -3.03
N ALA A 342 -1.94 -41.68 -2.86
CA ALA A 342 -1.17 -42.59 -3.71
C ALA A 342 -1.40 -42.28 -5.20
N ASP A 343 -2.61 -41.80 -5.51
CA ASP A 343 -3.01 -41.45 -6.87
C ASP A 343 -2.19 -40.30 -7.44
N LEU A 344 -1.70 -39.43 -6.58
CA LEU A 344 -0.90 -38.30 -7.05
C LEU A 344 0.53 -38.69 -7.41
N ASP A 345 0.98 -39.83 -6.89
CA ASP A 345 2.32 -40.34 -7.15
C ASP A 345 2.38 -41.08 -8.49
N ASN A 346 1.24 -41.23 -9.15
CA ASN A 346 1.15 -41.93 -10.44
C ASN A 346 0.40 -41.01 -11.41
N PHE A 347 1.01 -40.64 -12.54
CA PHE A 347 0.38 -39.74 -13.52
C PHE A 347 -1.10 -39.94 -13.84
N ASP A 348 -1.46 -41.13 -14.30
CA ASP A 348 -2.83 -41.43 -14.68
C ASP A 348 -3.89 -41.26 -13.59
N SER A 349 -3.57 -41.69 -12.37
CA SER A 349 -4.52 -41.53 -11.27
C SER A 349 -4.63 -40.06 -10.87
N ALA A 350 -3.57 -39.30 -11.15
CA ALA A 350 -3.55 -37.87 -10.87
C ALA A 350 -4.30 -37.13 -11.96
N LYS A 351 -4.20 -37.63 -13.19
CA LYS A 351 -4.90 -37.03 -14.34
C LYS A 351 -6.42 -37.17 -14.12
N ALA A 352 -6.83 -38.35 -13.66
CA ALA A 352 -8.22 -38.65 -13.36
C ALA A 352 -8.74 -37.92 -12.12
N ILE A 353 -7.85 -37.62 -11.18
CA ILE A 353 -8.21 -36.88 -9.95
C ILE A 353 -8.32 -35.40 -10.29
N ALA A 354 -7.60 -34.99 -11.34
CA ALA A 354 -7.62 -33.62 -11.81
C ALA A 354 -8.95 -33.39 -12.53
N GLU A 355 -9.26 -34.28 -13.46
CA GLU A 355 -10.49 -34.21 -14.27
C GLU A 355 -11.78 -34.29 -13.46
N SER A 356 -11.86 -35.25 -12.53
CA SER A 356 -13.05 -35.41 -11.70
C SER A 356 -13.27 -34.24 -10.73
N ILE A 357 -12.36 -33.28 -10.73
CA ILE A 357 -12.49 -32.10 -9.87
C ILE A 357 -12.82 -30.95 -10.82
N GLY A 358 -12.99 -31.28 -12.10
CA GLY A 358 -13.31 -30.31 -13.11
C GLY A 358 -12.11 -29.54 -13.65
N ILE A 359 -11.05 -30.26 -14.00
CA ILE A 359 -9.84 -29.62 -14.50
C ILE A 359 -9.43 -30.06 -15.93
N HIS A 360 -9.35 -29.04 -16.80
CA HIS A 360 -8.95 -29.17 -18.22
C HIS A 360 -7.45 -29.53 -18.35
N VAL A 361 -7.15 -30.84 -18.31
CA VAL A 361 -5.76 -31.33 -18.40
C VAL A 361 -5.16 -31.17 -19.81
N GLU A 362 -4.45 -30.07 -20.05
CA GLU A 362 -3.80 -29.83 -21.35
C GLU A 362 -2.80 -30.96 -21.64
N LYS A 363 -2.52 -31.21 -22.90
CA LYS A 363 -1.64 -32.31 -23.29
C LYS A 363 -0.19 -32.28 -22.78
N SER A 364 0.37 -31.08 -22.59
CA SER A 364 1.76 -30.95 -22.14
C SER A 364 2.01 -31.22 -20.66
N TRP A 365 1.00 -30.96 -19.83
CA TRP A 365 1.08 -31.13 -18.38
C TRP A 365 1.56 -32.50 -17.89
N GLY A 366 2.64 -32.45 -17.11
CA GLY A 366 3.25 -33.63 -16.50
C GLY A 366 2.87 -33.63 -15.02
N LEU A 367 2.92 -34.80 -14.39
CA LEU A 367 2.51 -35.00 -12.99
C LEU A 367 2.64 -33.77 -12.07
N GLY A 368 3.79 -33.08 -12.15
CA GLY A 368 4.05 -31.92 -11.33
C GLY A 368 3.07 -30.78 -11.45
N ARG A 369 2.63 -30.48 -12.67
CA ARG A 369 1.66 -29.38 -12.91
C ARG A 369 0.23 -29.79 -12.61
N ILE A 370 -0.10 -31.05 -12.89
CA ILE A 370 -1.45 -31.53 -12.61
C ILE A 370 -1.66 -31.33 -11.11
N VAL A 371 -0.71 -31.81 -10.33
CA VAL A 371 -0.80 -31.70 -8.90
C VAL A 371 -0.84 -30.27 -8.39
N THR A 372 0.10 -29.44 -8.81
CA THR A 372 0.12 -28.06 -8.35
C THR A 372 -1.19 -27.38 -8.70
N GLU A 373 -1.68 -27.67 -9.90
CA GLU A 373 -2.93 -27.11 -10.37
C GLU A 373 -4.04 -27.51 -9.40
N ILE A 374 -4.07 -28.81 -9.07
CA ILE A 374 -5.04 -29.35 -8.11
C ILE A 374 -4.99 -28.59 -6.79
N PHE A 375 -3.80 -28.20 -6.37
CA PHE A 375 -3.66 -27.46 -5.12
C PHE A 375 -4.36 -26.13 -5.26
N GLU A 376 -4.13 -25.51 -6.42
CA GLU A 376 -4.70 -24.21 -6.69
C GLU A 376 -6.23 -24.28 -6.61
N GLU A 377 -6.80 -25.28 -7.27
CA GLU A 377 -8.23 -25.46 -7.29
C GLU A 377 -8.79 -25.74 -5.90
N VAL A 378 -8.31 -26.83 -5.32
CA VAL A 378 -8.76 -27.29 -4.04
C VAL A 378 -8.50 -26.46 -2.79
N ALA A 379 -7.26 -26.08 -2.54
CA ALA A 379 -6.91 -25.42 -1.29
C ALA A 379 -6.37 -23.99 -1.20
N GLU A 380 -5.95 -23.40 -2.30
CA GLU A 380 -5.43 -22.05 -2.26
C GLU A 380 -6.40 -21.06 -1.58
N ALA A 381 -7.65 -21.00 -2.06
CA ALA A 381 -8.69 -20.09 -1.55
C ALA A 381 -9.10 -20.23 -0.06
N HIS A 382 -8.89 -21.40 0.52
CA HIS A 382 -9.23 -21.63 1.94
C HIS A 382 -8.12 -21.18 2.89
N LEU A 383 -6.97 -20.81 2.31
CA LEU A 383 -5.83 -20.35 3.10
C LEU A 383 -6.15 -18.97 3.60
N ILE A 384 -7.04 -18.91 4.58
CA ILE A 384 -7.48 -17.64 5.08
C ILE A 384 -6.55 -17.12 6.15
N GLN A 385 -6.25 -17.94 7.13
CA GLN A 385 -5.31 -17.49 8.15
C GLN A 385 -3.91 -17.38 7.49
N PRO A 386 -2.96 -16.65 8.11
CA PRO A 386 -1.62 -16.51 7.54
C PRO A 386 -0.99 -17.90 7.41
N THR A 387 -0.68 -18.32 6.19
CA THR A 387 -0.14 -19.65 5.95
C THR A 387 0.97 -19.77 4.90
N PHE A 388 1.94 -20.62 5.19
CA PHE A 388 3.05 -20.91 4.30
C PHE A 388 2.84 -22.27 3.69
N ILE A 389 2.97 -22.33 2.36
CA ILE A 389 2.85 -23.59 1.64
C ILE A 389 4.23 -23.81 1.06
N THR A 390 4.81 -24.97 1.34
CA THR A 390 6.14 -25.31 0.91
C THR A 390 6.24 -26.49 -0.07
N GLU A 391 7.46 -26.78 -0.49
CA GLU A 391 7.73 -27.91 -1.37
C GLU A 391 6.92 -27.95 -2.65
N TYR A 392 7.23 -27.05 -3.57
CA TYR A 392 6.54 -27.03 -4.86
C TYR A 392 7.28 -27.90 -5.87
N PRO A 393 6.52 -28.62 -6.71
CA PRO A 393 7.16 -29.47 -7.72
C PRO A 393 8.20 -28.73 -8.55
N ALA A 394 9.18 -29.45 -9.06
CA ALA A 394 10.22 -28.85 -9.86
C ALA A 394 9.63 -28.24 -11.10
N GLU A 395 8.75 -28.99 -11.77
CA GLU A 395 8.13 -28.56 -13.03
C GLU A 395 7.65 -27.11 -13.04
N VAL A 396 6.64 -26.83 -12.22
CA VAL A 396 6.03 -25.53 -12.10
C VAL A 396 6.95 -24.48 -11.47
N SER A 397 8.20 -24.84 -11.23
CA SER A 397 9.12 -23.91 -10.62
C SER A 397 10.00 -23.16 -11.61
N PRO A 398 10.30 -21.87 -11.30
CA PRO A 398 11.15 -20.98 -12.13
C PRO A 398 12.61 -21.45 -12.01
N LEU A 399 13.50 -20.56 -11.56
CA LEU A 399 14.88 -20.94 -11.32
C LEU A 399 14.84 -21.33 -9.87
N ALA A 400 14.22 -22.47 -9.63
CA ALA A 400 14.08 -22.98 -8.29
C ALA A 400 15.15 -24.03 -7.90
N ARG A 401 15.78 -23.81 -6.73
CA ARG A 401 16.81 -24.72 -6.21
C ARG A 401 16.25 -26.09 -5.83
N ARG A 402 16.63 -27.13 -6.57
CA ARG A 402 16.15 -28.50 -6.32
C ARG A 402 16.58 -28.93 -4.94
N ASN A 403 15.69 -29.66 -4.27
CA ASN A 403 15.93 -30.18 -2.93
C ASN A 403 16.89 -31.37 -3.01
N ASP A 404 17.95 -31.31 -2.22
CA ASP A 404 19.00 -32.34 -2.19
C ASP A 404 18.52 -33.75 -1.91
N VAL A 405 17.71 -33.89 -0.86
CA VAL A 405 17.16 -35.16 -0.42
C VAL A 405 16.13 -35.67 -1.44
N ASN A 406 15.27 -34.80 -1.91
CA ASN A 406 14.29 -35.21 -2.90
C ASN A 406 14.17 -34.12 -3.94
N PRO A 407 14.88 -34.29 -5.06
CA PRO A 407 14.86 -33.32 -6.16
C PRO A 407 13.57 -33.15 -6.94
N GLU A 408 12.59 -33.96 -6.59
CA GLU A 408 11.31 -33.84 -7.27
C GLU A 408 10.66 -32.51 -6.90
N ILE A 409 11.02 -31.98 -5.75
CA ILE A 409 10.47 -30.73 -5.32
C ILE A 409 11.61 -29.75 -5.15
N THR A 410 11.27 -28.49 -4.95
CA THR A 410 12.24 -27.42 -4.84
C THR A 410 12.16 -26.70 -3.50
N ASP A 411 13.21 -26.01 -3.10
CA ASP A 411 13.19 -25.33 -1.81
C ASP A 411 12.51 -23.94 -1.86
N ARG A 412 11.19 -23.89 -2.04
CA ARG A 412 10.46 -22.61 -2.10
C ARG A 412 9.17 -22.63 -1.32
N PHE A 413 8.71 -21.45 -0.91
CA PHE A 413 7.47 -21.32 -0.18
C PHE A 413 6.69 -20.12 -0.69
N GLU A 414 5.37 -20.19 -0.57
CA GLU A 414 4.46 -19.12 -0.94
C GLU A 414 3.72 -18.78 0.35
N PHE A 415 3.56 -17.49 0.59
CA PHE A 415 2.89 -17.02 1.80
C PHE A 415 1.46 -16.62 1.45
N PHE A 416 0.52 -16.98 2.31
CA PHE A 416 -0.87 -16.69 2.03
C PHE A 416 -1.63 -16.07 3.17
N ILE A 417 -2.45 -15.07 2.84
CA ILE A 417 -3.32 -14.40 3.81
C ILE A 417 -4.62 -13.96 3.13
N GLY A 418 -5.75 -14.33 3.73
CA GLY A 418 -7.02 -13.99 3.13
C GLY A 418 -7.23 -14.67 1.79
N GLY A 419 -6.63 -15.84 1.57
CA GLY A 419 -6.80 -16.54 0.30
C GLY A 419 -6.00 -15.95 -0.82
N ARG A 420 -5.13 -14.99 -0.48
CA ARG A 420 -4.30 -14.28 -1.45
C ARG A 420 -2.81 -14.59 -1.28
N GLU A 421 -2.05 -14.51 -2.37
CA GLU A 421 -0.59 -14.69 -2.32
C GLU A 421 -0.04 -13.37 -1.85
N ILE A 422 0.57 -13.39 -0.67
CA ILE A 422 1.13 -12.20 -0.11
C ILE A 422 2.64 -12.23 -0.18
N GLY A 423 3.20 -13.44 -0.06
CA GLY A 423 4.64 -13.64 -0.06
C GLY A 423 5.23 -14.64 -1.05
N ASN A 424 6.55 -14.79 -0.95
CA ASN A 424 7.35 -15.64 -1.83
C ASN A 424 8.68 -15.88 -1.18
N GLY A 425 9.33 -16.99 -1.46
CA GLY A 425 10.61 -17.20 -0.81
C GLY A 425 11.32 -18.38 -1.40
N PHE A 426 12.64 -18.29 -1.59
CA PHE A 426 13.42 -19.40 -2.13
C PHE A 426 14.74 -19.56 -1.43
N SER A 427 15.46 -20.61 -1.83
CA SER A 427 16.85 -20.92 -1.45
C SER A 427 17.31 -20.75 -2.87
N GLU A 428 17.95 -19.63 -3.15
CA GLU A 428 18.36 -19.33 -4.49
C GLU A 428 19.29 -20.32 -5.18
N LEU A 429 18.94 -20.60 -6.42
CA LEU A 429 19.74 -21.45 -7.29
C LEU A 429 21.03 -20.67 -7.62
N ASN A 430 22.15 -21.06 -7.03
CA ASN A 430 23.45 -20.43 -7.32
C ASN A 430 24.36 -21.35 -8.15
N ASP A 431 23.73 -22.27 -8.86
CA ASP A 431 24.39 -23.24 -9.73
C ASP A 431 24.32 -22.74 -11.19
N ALA A 432 25.28 -21.89 -11.56
CA ALA A 432 25.33 -21.32 -12.91
C ALA A 432 24.91 -22.22 -14.08
N GLU A 433 25.55 -23.38 -14.23
CA GLU A 433 25.24 -24.33 -15.32
C GLU A 433 23.77 -24.74 -15.36
N ASP A 434 23.19 -24.93 -14.18
CA ASP A 434 21.79 -25.32 -14.03
C ASP A 434 20.91 -24.13 -14.37
N GLN A 435 21.31 -22.95 -13.89
CA GLN A 435 20.58 -21.71 -14.14
C GLN A 435 20.48 -21.54 -15.64
N ALA A 436 21.63 -21.58 -16.30
CA ALA A 436 21.75 -21.42 -17.74
C ALA A 436 20.85 -22.39 -18.49
N GLN A 437 20.89 -23.65 -18.06
CA GLN A 437 20.07 -24.67 -18.69
C GLN A 437 18.60 -24.28 -18.63
N ARG A 438 18.20 -23.70 -17.49
CA ARG A 438 16.81 -23.30 -17.28
C ARG A 438 16.39 -22.07 -18.07
N PHE A 439 17.35 -21.18 -18.36
CA PHE A 439 17.06 -20.00 -19.15
C PHE A 439 16.72 -20.50 -20.55
N LEU A 440 17.61 -21.31 -21.12
CA LEU A 440 17.37 -21.89 -22.45
C LEU A 440 16.10 -22.76 -22.40
N ASP A 441 15.83 -23.37 -21.25
CA ASP A 441 14.67 -24.20 -21.00
C ASP A 441 13.36 -23.47 -21.35
N GLN A 442 13.20 -22.26 -20.83
CA GLN A 442 11.99 -21.50 -21.13
C GLN A 442 12.30 -20.48 -22.23
N VAL A 443 12.36 -20.96 -23.47
CA VAL A 443 12.66 -20.09 -24.60
C VAL A 443 12.19 -20.76 -25.89
N TYR A 456 17.10 -15.03 -21.47
CA TYR A 456 18.41 -15.59 -21.20
C TYR A 456 19.46 -14.51 -20.98
N ASP A 457 19.71 -14.18 -19.71
CA ASP A 457 20.70 -13.16 -19.37
C ASP A 457 22.11 -13.75 -19.26
N GLU A 458 22.89 -13.64 -20.32
CA GLU A 458 24.26 -14.17 -20.33
C GLU A 458 25.07 -13.64 -19.17
N ASP A 459 25.02 -12.32 -18.98
CA ASP A 459 25.76 -11.68 -17.92
C ASP A 459 25.35 -12.19 -16.54
N TYR A 460 24.10 -12.60 -16.38
CA TYR A 460 23.69 -13.10 -15.08
C TYR A 460 24.49 -14.38 -14.79
N VAL A 461 24.38 -15.34 -15.69
CA VAL A 461 25.09 -16.60 -15.56
C VAL A 461 26.58 -16.34 -15.31
N THR A 462 27.13 -15.40 -16.05
CA THR A 462 28.52 -15.06 -15.88
C THR A 462 28.74 -14.63 -14.43
N ALA A 463 27.79 -13.86 -13.90
CA ALA A 463 27.88 -13.36 -12.52
C ALA A 463 27.87 -14.52 -11.57
N LEU A 464 26.99 -15.48 -11.84
CA LEU A 464 26.86 -16.68 -11.01
C LEU A 464 28.16 -17.43 -11.07
N GLU A 465 28.72 -17.52 -12.27
CA GLU A 465 29.99 -18.20 -12.48
C GLU A 465 31.09 -17.55 -11.67
N HIS A 466 30.94 -16.29 -11.34
CA HIS A 466 31.97 -15.65 -10.54
C HIS A 466 31.76 -16.01 -9.10
N GLY A 467 30.58 -16.56 -8.80
CA GLY A 467 30.28 -16.99 -7.44
C GLY A 467 29.25 -16.31 -6.54
N LEU A 468 28.02 -16.85 -6.52
CA LEU A 468 26.98 -16.34 -5.63
C LEU A 468 26.87 -17.25 -4.41
N PRO A 469 27.14 -16.70 -3.20
CA PRO A 469 27.07 -17.49 -1.95
C PRO A 469 25.68 -18.14 -1.84
N PRO A 470 25.54 -19.15 -0.98
CA PRO A 470 24.18 -19.71 -0.94
C PRO A 470 23.35 -18.53 -0.39
N THR A 471 22.17 -18.32 -0.97
CA THR A 471 21.36 -17.19 -0.57
C THR A 471 19.87 -17.50 -0.63
N ALA A 472 19.12 -16.86 0.26
CA ALA A 472 17.67 -16.97 0.31
C ALA A 472 17.05 -15.65 -0.19
N GLY A 473 16.02 -15.76 -1.02
CA GLY A 473 15.36 -14.57 -1.52
C GLY A 473 13.91 -14.47 -1.08
N LEU A 474 13.50 -13.27 -0.68
CA LEU A 474 12.14 -13.00 -0.23
C LEU A 474 11.41 -12.16 -1.24
N GLY A 475 10.12 -12.45 -1.42
CA GLY A 475 9.28 -11.69 -2.34
C GLY A 475 8.01 -11.28 -1.60
N ILE A 476 7.63 -10.01 -1.64
CA ILE A 476 6.41 -9.53 -0.97
C ILE A 476 5.66 -8.47 -1.79
N GLY A 477 4.35 -8.64 -1.92
CA GLY A 477 3.54 -7.67 -2.65
C GLY A 477 3.08 -6.63 -1.67
N ILE A 478 3.77 -5.50 -1.59
CA ILE A 478 3.43 -4.47 -0.63
C ILE A 478 1.95 -4.06 -0.61
N ASP A 479 1.37 -3.83 -1.79
CA ASP A 479 -0.04 -3.40 -1.90
C ASP A 479 -1.01 -4.32 -1.13
N ARG A 480 -0.98 -5.62 -1.45
CA ARG A 480 -1.81 -6.59 -0.75
C ARG A 480 -1.58 -6.61 0.76
N MET A 481 -0.33 -6.43 1.20
CA MET A 481 -0.04 -6.40 2.64
C MET A 481 -0.73 -5.21 3.25
N VAL A 482 -0.78 -4.12 2.50
CA VAL A 482 -1.42 -2.92 3.01
C VAL A 482 -2.91 -3.15 3.11
N MET A 483 -3.49 -3.78 2.08
CA MET A 483 -4.92 -4.10 2.13
C MET A 483 -5.23 -4.88 3.42
N LEU A 484 -4.51 -5.96 3.62
CA LEU A 484 -4.72 -6.78 4.80
C LEU A 484 -4.37 -6.09 6.14
N PHE A 485 -4.00 -4.82 6.13
CA PHE A 485 -3.65 -4.10 7.37
C PHE A 485 -4.56 -2.89 7.63
N THR A 486 -5.18 -2.43 6.55
CA THR A 486 -6.08 -1.28 6.63
C THR A 486 -7.52 -1.68 6.35
N ASN A 487 -7.76 -2.96 6.15
CA ASN A 487 -9.11 -3.46 5.89
C ASN A 487 -9.55 -3.25 4.44
N SER A 488 -8.77 -2.56 3.62
CA SER A 488 -9.15 -2.34 2.21
C SER A 488 -9.38 -3.69 1.50
N HIS A 489 -10.37 -3.74 0.60
CA HIS A 489 -10.67 -5.00 -0.09
C HIS A 489 -10.47 -4.99 -1.60
N THR A 490 -9.80 -3.96 -2.10
CA THR A 490 -9.47 -3.84 -3.52
C THR A 490 -8.17 -3.05 -3.60
N ILE A 491 -7.31 -3.41 -4.55
CA ILE A 491 -6.01 -2.77 -4.72
C ILE A 491 -6.18 -1.27 -4.95
N ARG A 492 -7.24 -0.88 -5.65
CA ARG A 492 -7.49 0.52 -5.95
C ARG A 492 -7.67 1.36 -4.67
N ASP A 493 -8.06 0.70 -3.58
CA ASP A 493 -8.25 1.39 -2.34
C ASP A 493 -6.93 1.75 -1.66
N VAL A 494 -5.82 1.23 -2.19
CA VAL A 494 -4.49 1.47 -1.63
C VAL A 494 -3.43 2.16 -2.54
N ILE A 495 -3.85 2.59 -3.71
CA ILE A 495 -2.97 3.24 -4.63
C ILE A 495 -3.57 4.62 -4.92
N LEU A 496 -2.97 5.66 -4.36
CA LEU A 496 -3.43 7.01 -4.53
C LEU A 496 -3.91 7.35 -5.92
N PHE A 497 -3.34 6.81 -6.98
CA PHE A 497 -3.83 7.16 -8.31
C PHE A 497 -3.84 5.95 -9.22
N PRO A 498 -4.76 5.00 -8.99
CA PRO A 498 -4.87 3.77 -9.80
C PRO A 498 -5.08 4.15 -11.22
N ALA A 499 -4.75 3.26 -12.14
CA ALA A 499 -4.96 3.59 -13.54
C ALA A 499 -6.44 3.50 -13.77
N MET A 500 -6.95 4.49 -14.49
CA MET A 500 -8.36 4.57 -14.82
C MET A 500 -8.51 4.37 -16.33
N ARG A 501 -9.60 3.72 -16.72
CA ARG A 501 -9.91 3.51 -18.14
C ARG A 501 -10.34 4.89 -18.62
N PRO A 502 -9.61 5.51 -19.56
CA PRO A 502 -9.91 6.85 -20.12
C PRO A 502 -11.41 7.24 -20.28
#